data_3W3D
#
_entry.id   3W3D
#
_cell.length_a   42.000
_cell.length_b   225.300
_cell.length_c   77.400
_cell.angle_alpha   90.00
_cell.angle_beta   90.00
_cell.angle_gamma   90.00
#
_symmetry.space_group_name_H-M   'P 21 21 21'
#
loop_
_entity.id
_entity.type
_entity.pdbx_description
1 polymer 'Actin, gamma-enteric smooth muscle'
2 polymer Deoxyribonuclease-1
3 branched alpha-D-mannopyranose-(1-6)-beta-D-mannopyranose-(1-3)-[beta-D-mannopyranose-(1-3)-alpha-D-mannopyranose-(1-6)]beta-D-mannopyranose-(1-4)-2-acetamido-2-deoxy-beta-D-glucopyranose-(1-4)-2-acetamido-2-deoxy-beta-D-glucopyranose
4 non-polymer "ADENOSINE-5'-TRIPHOSPHATE"
5 non-polymer 'CALCIUM ION'
6 water water
#
loop_
_entity_poly.entity_id
_entity_poly.type
_entity_poly.pdbx_seq_one_letter_code
_entity_poly.pdbx_strand_id
1 'polypeptide(L)'
;EEETTALVCDNGSGLCKAGFAGDDAPRAVFPSIVGRPRHQGVMVGMGQKDSYVGDEAQSKRGILTLKYPIE(HIC)GIIT
NWDDMEKIWHHSFYNELRVAPEEHPTLLTEAPLNPKANREKMTQIMFETFNVPAMYVAIQAVLSLYASGRTTGIVLDSGD
GVTHNVPIYEGYALPHAIMRLDLAGRDLTDYLMKILTERGYSFVTTAEREIVRDIKEKLCYVALDFENEMATAASSSSLE
KSYELPDGQVITIGNERFRCPETLFQPSFIGMESAGIHETTYNSIMKCDIDIRKDLYANNVLSGGTTMYPGIADRMQKEI
TALAPSTMKIKIIAPPERKYSVWIGGSILASLSTFQQMWISKQEYDEAGPSIVHRKCF
;
A
2 'polypeptide(L)'
;LKIAAFNIRTFGETKMSNATLASYIVRIVRRYDIVLIQEVRDSHLVAVGKLLDYLNQDDPNTYHYVVSEPLGRNSYKERY
LFLFRPNKVSVLDTYQYDDGCESCGNDSFSREPAVVKFSSHSTKVKEFAIVALHSAPSDAVAEINSLYDVYLDVQQKWHL
NDVMLMGDFNADCSYVTSSQWSSIRLRTSSTFQWLIPDSADTTATSTNCAYDRIVVAGSLLQSSVVPGSAAPFDFQAAYG
LSNEMALAISDHYPVEVTLT
;
B
#
# COMPACT_ATOMS: atom_id res chain seq x y z
N GLU A 1 -15.69 33.82 -17.26
CA GLU A 1 -15.43 32.75 -18.18
C GLU A 1 -14.36 31.98 -17.43
N GLU A 2 -14.38 30.66 -17.51
CA GLU A 2 -13.39 29.83 -16.84
C GLU A 2 -12.13 29.86 -17.72
N GLU A 3 -10.94 30.06 -17.11
CA GLU A 3 -9.65 30.06 -17.81
C GLU A 3 -9.08 28.63 -17.82
N THR A 4 -8.29 28.16 -18.81
CA THR A 4 -7.78 26.79 -18.86
C THR A 4 -6.93 26.55 -17.61
N THR A 5 -7.30 25.45 -16.96
CA THR A 5 -6.80 25.11 -15.65
C THR A 5 -5.43 24.49 -15.59
N ALA A 6 -4.62 25.12 -14.74
CA ALA A 6 -3.30 24.63 -14.43
C ALA A 6 -3.37 23.57 -13.38
N LEU A 7 -2.35 22.71 -13.41
CA LEU A 7 -2.16 21.67 -12.42
C LEU A 7 -1.03 22.04 -11.47
N VAL A 8 -1.11 21.57 -10.22
CA VAL A 8 -0.06 21.75 -9.21
C VAL A 8 0.39 20.35 -8.77
N CYS A 9 1.67 19.93 -8.90
CA CYS A 9 2.14 18.67 -8.39
C CYS A 9 3.26 18.95 -7.41
N ASP A 10 3.28 18.28 -6.28
CA ASP A 10 4.29 18.45 -5.25
C ASP A 10 4.74 17.01 -5.00
N ASN A 11 5.94 16.67 -5.42
CA ASN A 11 6.41 15.31 -5.38
C ASN A 11 7.43 15.21 -4.30
N GLY A 12 6.96 14.69 -3.16
CA GLY A 12 7.73 14.58 -1.93
C GLY A 12 8.32 13.20 -1.86
N SER A 13 9.27 12.98 -1.02
CA SER A 13 9.89 11.70 -0.82
C SER A 13 8.91 10.63 -0.31
N GLY A 14 7.88 10.96 0.46
CA GLY A 14 6.97 9.94 0.91
C GLY A 14 5.70 10.03 0.11
N LEU A 15 5.13 11.20 -0.04
CA LEU A 15 3.90 11.43 -0.79
C LEU A 15 3.92 12.40 -2.00
N CYS A 16 3.18 12.07 -3.06
CA CYS A 16 2.92 13.03 -4.12
C CYS A 16 1.59 13.61 -3.76
N LYS A 17 1.51 14.93 -3.90
CA LYS A 17 0.29 15.69 -3.71
C LYS A 17 0.04 16.24 -5.11
N ALA A 18 -1.16 16.18 -5.71
CA ALA A 18 -1.39 16.65 -7.09
C ALA A 18 -2.80 17.16 -7.23
N GLY A 19 -3.11 18.03 -8.20
CA GLY A 19 -4.44 18.60 -8.28
C GLY A 19 -4.54 19.87 -9.12
N PHE A 20 -5.60 20.62 -8.90
CA PHE A 20 -5.89 21.76 -9.72
C PHE A 20 -5.75 23.07 -8.99
N ALA A 21 -5.20 24.00 -9.75
CA ALA A 21 -5.03 25.38 -9.33
C ALA A 21 -6.44 25.94 -9.08
N GLY A 22 -6.62 26.46 -7.87
CA GLY A 22 -7.90 26.98 -7.46
C GLY A 22 -8.42 26.22 -6.25
N ASP A 23 -8.22 24.89 -6.14
CA ASP A 23 -8.75 24.10 -5.02
C ASP A 23 -8.06 24.42 -3.68
N ASP A 24 -8.61 24.05 -2.51
CA ASP A 24 -7.91 24.30 -1.23
C ASP A 24 -7.02 23.15 -0.78
N ALA A 25 -7.05 22.04 -1.53
CA ALA A 25 -6.36 20.83 -1.14
C ALA A 25 -6.16 19.98 -2.37
N PRO A 26 -5.03 19.24 -2.41
CA PRO A 26 -4.70 18.34 -3.49
C PRO A 26 -5.75 17.27 -3.58
N ARG A 27 -6.27 17.22 -4.80
CA ARG A 27 -7.25 16.25 -5.14
C ARG A 27 -6.54 14.89 -5.11
N ALA A 28 -5.23 14.76 -5.05
CA ALA A 28 -4.63 13.47 -5.06
C ALA A 28 -3.52 13.48 -4.06
N VAL A 29 -3.43 12.48 -3.20
CA VAL A 29 -2.30 12.33 -2.32
C VAL A 29 -2.08 10.83 -2.31
N PHE A 30 -0.97 10.42 -2.83
CA PHE A 30 -0.63 9.02 -2.88
C PHE A 30 0.84 8.90 -2.57
N PRO A 31 1.36 7.77 -2.12
CA PRO A 31 2.77 7.62 -1.94
C PRO A 31 3.56 7.48 -3.21
N SER A 32 4.80 7.91 -3.05
CA SER A 32 5.80 8.03 -4.11
C SER A 32 6.57 6.75 -4.33
N ILE A 33 5.84 5.67 -4.66
CA ILE A 33 6.53 4.41 -4.88
C ILE A 33 5.98 3.82 -6.15
N VAL A 34 6.87 3.11 -6.83
CA VAL A 34 6.62 2.47 -8.08
C VAL A 34 6.92 0.99 -7.83
N GLY A 35 6.07 0.06 -8.23
CA GLY A 35 6.37 -1.33 -8.07
C GLY A 35 6.09 -2.15 -9.31
N ARG A 36 7.04 -3.03 -9.58
CA ARG A 36 7.04 -3.98 -10.70
C ARG A 36 6.75 -5.40 -10.21
N PRO A 37 5.88 -6.19 -10.84
CA PRO A 37 5.55 -7.54 -10.44
C PRO A 37 6.75 -8.46 -10.39
N ARG A 38 7.02 -8.95 -9.21
CA ARG A 38 8.08 -9.89 -9.06
C ARG A 38 7.71 -11.19 -9.75
N HIS A 39 6.42 -11.51 -10.04
CA HIS A 39 5.95 -12.78 -10.62
C HIS A 39 4.77 -12.56 -11.52
N GLN A 40 4.56 -13.48 -12.45
CA GLN A 40 3.46 -13.34 -13.35
C GLN A 40 2.16 -13.82 -12.69
N GLY A 41 1.10 -13.10 -12.94
CA GLY A 41 -0.21 -13.54 -12.54
C GLY A 41 -1.19 -12.44 -12.78
N VAL A 42 -2.30 -12.43 -12.05
CA VAL A 42 -3.40 -11.53 -12.38
C VAL A 42 -4.32 -11.34 -11.18
N MET A 43 -5.01 -10.22 -11.07
CA MET A 43 -5.96 -10.03 -10.02
C MET A 43 -7.27 -10.46 -10.64
N VAL A 44 -8.21 -11.03 -9.89
CA VAL A 44 -9.41 -11.57 -10.45
C VAL A 44 -10.23 -10.66 -11.35
N GLY A 45 -10.51 -9.38 -11.24
CA GLY A 45 -11.33 -8.81 -12.32
C GLY A 45 -10.45 -8.22 -13.44
N MET A 46 -9.17 -8.60 -13.52
CA MET A 46 -8.14 -7.82 -14.20
C MET A 46 -7.18 -8.44 -15.20
N GLY A 47 -6.70 -7.56 -16.09
CA GLY A 47 -5.68 -7.93 -17.06
C GLY A 47 -4.33 -7.74 -16.39
N GLN A 48 -3.26 -8.41 -16.83
CA GLN A 48 -1.96 -8.29 -16.19
C GLN A 48 -1.52 -6.85 -16.32
N LYS A 49 -1.18 -6.34 -15.15
CA LYS A 49 -0.70 -5.00 -15.01
C LYS A 49 0.79 -5.13 -14.83
N ASP A 50 1.47 -4.30 -15.61
CA ASP A 50 2.91 -4.32 -15.70
C ASP A 50 3.61 -3.61 -14.57
N SER A 51 2.94 -2.65 -13.93
CA SER A 51 3.56 -1.84 -12.90
C SER A 51 2.51 -1.21 -12.04
N TYR A 52 2.74 -0.77 -10.81
CA TYR A 52 1.72 -0.08 -10.05
C TYR A 52 2.43 1.14 -9.48
N VAL A 53 1.68 2.16 -9.16
CA VAL A 53 2.21 3.40 -8.67
C VAL A 53 1.27 3.79 -7.54
N GLY A 54 1.73 4.46 -6.48
CA GLY A 54 0.85 4.93 -5.41
C GLY A 54 0.27 3.84 -4.49
N ASP A 55 -0.92 4.13 -3.96
CA ASP A 55 -1.65 3.24 -3.06
C ASP A 55 -1.62 1.84 -3.58
N GLU A 56 -2.00 1.60 -4.85
CA GLU A 56 -1.95 0.28 -5.48
C GLU A 56 -0.60 -0.41 -5.26
N ALA A 57 0.56 0.26 -5.38
CA ALA A 57 1.86 -0.37 -5.21
C ALA A 57 2.16 -0.77 -3.78
N GLN A 58 1.71 0.06 -2.85
CA GLN A 58 1.88 -0.24 -1.46
C GLN A 58 0.87 -1.31 -1.01
N SER A 59 -0.35 -1.34 -1.54
CA SER A 59 -1.34 -2.36 -1.20
C SER A 59 -0.85 -3.75 -1.62
N LYS A 60 -0.11 -3.86 -2.74
CA LYS A 60 0.30 -5.13 -3.28
C LYS A 60 1.77 -5.34 -3.17
N ARG A 61 2.46 -4.53 -2.36
CA ARG A 61 3.92 -4.53 -2.33
C ARG A 61 4.64 -5.86 -2.12
N GLY A 62 3.90 -6.83 -1.60
CA GLY A 62 4.43 -8.14 -1.30
C GLY A 62 4.76 -8.92 -2.52
N ILE A 63 4.20 -8.49 -3.66
CA ILE A 63 4.52 -9.18 -4.86
C ILE A 63 5.20 -8.26 -5.89
N LEU A 64 5.84 -7.18 -5.42
CA LEU A 64 6.47 -6.24 -6.33
C LEU A 64 7.88 -6.05 -5.81
N THR A 65 8.75 -5.41 -6.60
CA THR A 65 10.07 -4.99 -6.14
C THR A 65 9.71 -3.52 -6.17
N LEU A 66 9.61 -2.90 -5.02
CA LEU A 66 9.24 -1.52 -4.95
C LEU A 66 10.45 -0.60 -5.21
N LYS A 67 10.21 0.65 -5.66
CA LYS A 67 11.21 1.68 -5.99
C LYS A 67 10.66 2.95 -5.37
N TYR A 68 11.53 3.77 -4.82
CA TYR A 68 11.15 5.05 -4.20
C TYR A 68 11.95 6.02 -5.07
N PRO A 69 11.43 6.80 -6.04
CA PRO A 69 12.23 7.55 -6.99
C PRO A 69 12.75 8.88 -6.49
N ILE A 70 12.18 9.41 -5.41
CA ILE A 70 12.55 10.68 -4.90
C ILE A 70 13.27 10.42 -3.57
N GLU A 71 14.58 10.52 -3.47
CA GLU A 71 15.37 10.28 -2.27
C GLU A 71 15.75 11.61 -1.67
N GLY A 73 13.98 14.47 -1.21
CA GLY A 73 13.57 15.64 -1.95
C GLY A 73 14.11 15.63 -3.38
N ILE A 74 15.13 14.86 -3.73
CA ILE A 74 15.65 14.90 -5.08
C ILE A 74 15.30 13.64 -5.87
N ILE A 75 14.91 13.90 -7.12
CA ILE A 75 14.58 12.84 -8.04
C ILE A 75 15.87 12.11 -8.30
N THR A 76 15.82 10.85 -7.98
CA THR A 76 16.91 9.92 -8.10
C THR A 76 16.77 8.96 -9.29
N ASN A 77 15.56 8.62 -9.72
CA ASN A 77 15.41 7.65 -10.78
C ASN A 77 14.33 8.25 -11.64
N TRP A 78 14.69 8.71 -12.85
CA TRP A 78 13.82 9.44 -13.73
C TRP A 78 12.82 8.59 -14.49
N ASP A 79 13.11 7.31 -14.68
CA ASP A 79 12.18 6.39 -15.33
C ASP A 79 10.99 6.23 -14.43
N ASP A 80 11.20 5.81 -13.17
CA ASP A 80 10.10 5.64 -12.25
C ASP A 80 9.40 6.95 -11.98
N MET A 81 10.09 8.11 -12.04
CA MET A 81 9.40 9.39 -11.93
C MET A 81 8.41 9.69 -13.06
N GLU A 82 8.66 9.16 -14.27
CA GLU A 82 7.73 9.25 -15.39
C GLU A 82 6.49 8.44 -15.09
N LYS A 83 6.66 7.24 -14.55
CA LYS A 83 5.53 6.42 -14.13
C LYS A 83 4.66 7.21 -13.19
N ILE A 84 5.28 7.86 -12.17
CA ILE A 84 4.47 8.68 -11.28
C ILE A 84 3.78 9.85 -11.93
N TRP A 85 4.48 10.58 -12.79
CA TRP A 85 3.83 11.74 -13.37
C TRP A 85 2.69 11.29 -14.26
N HIS A 86 3.00 10.23 -14.98
CA HIS A 86 2.03 9.55 -15.82
C HIS A 86 0.77 9.17 -15.06
N HIS A 87 0.98 8.58 -13.91
CA HIS A 87 -0.11 8.18 -13.11
C HIS A 87 -0.90 9.40 -12.65
N SER A 88 -0.19 10.46 -12.28
CA SER A 88 -0.87 11.62 -11.78
C SER A 88 -1.76 12.20 -12.82
N PHE A 89 -1.37 12.31 -14.10
CA PHE A 89 -2.27 12.99 -15.00
C PHE A 89 -3.39 12.07 -15.45
N TYR A 90 -3.06 10.90 -16.00
CA TYR A 90 -4.05 10.01 -16.57
C TYR A 90 -4.91 9.24 -15.61
N ASN A 91 -4.39 8.77 -14.47
CA ASN A 91 -5.21 7.96 -13.57
C ASN A 91 -5.90 8.72 -12.46
N GLU A 92 -5.08 9.53 -11.80
CA GLU A 92 -5.54 10.28 -10.66
C GLU A 92 -6.29 11.55 -11.04
N LEU A 93 -5.64 12.45 -11.76
CA LEU A 93 -6.19 13.75 -12.13
C LEU A 93 -7.21 13.73 -13.27
N ARG A 94 -7.10 12.66 -14.04
CA ARG A 94 -7.97 12.36 -15.16
C ARG A 94 -7.89 13.51 -16.16
N VAL A 95 -6.66 13.87 -16.50
CA VAL A 95 -6.48 14.93 -17.48
C VAL A 95 -5.49 14.51 -18.54
N ALA A 96 -5.46 15.31 -19.59
CA ALA A 96 -4.56 15.10 -20.70
C ALA A 96 -3.51 16.14 -20.44
N PRO A 97 -2.25 15.77 -20.19
CA PRO A 97 -1.18 16.74 -19.88
C PRO A 97 -0.96 17.82 -20.96
N GLU A 98 -1.28 17.45 -22.21
CA GLU A 98 -1.19 18.33 -23.37
C GLU A 98 -2.06 19.56 -23.28
N GLU A 99 -3.05 19.64 -22.41
CA GLU A 99 -3.86 20.83 -22.38
C GLU A 99 -3.93 21.51 -21.03
N HIS A 100 -2.97 21.22 -20.14
CA HIS A 100 -3.03 21.83 -18.83
C HIS A 100 -1.66 22.33 -18.51
N PRO A 101 -1.45 23.60 -18.15
CA PRO A 101 -0.18 24.09 -17.68
C PRO A 101 0.16 23.42 -16.34
N THR A 102 1.26 22.72 -16.14
CA THR A 102 1.62 22.08 -14.90
C THR A 102 2.63 22.93 -14.13
N LEU A 103 2.49 23.18 -12.82
CA LEU A 103 3.53 23.80 -11.98
C LEU A 103 4.18 22.69 -11.13
N LEU A 104 5.48 22.49 -11.10
CA LEU A 104 6.05 21.43 -10.33
C LEU A 104 6.84 22.12 -9.23
N THR A 105 7.08 21.41 -8.11
CA THR A 105 7.80 21.98 -7.00
C THR A 105 9.12 21.25 -6.99
N GLU A 106 10.15 21.81 -6.36
CA GLU A 106 11.43 21.12 -6.23
C GLU A 106 12.02 21.31 -4.83
N ALA A 107 13.05 20.53 -4.49
CA ALA A 107 13.76 20.64 -3.23
C ALA A 107 14.64 21.88 -3.26
N PRO A 108 14.92 22.50 -2.12
CA PRO A 108 16.02 23.43 -1.92
C PRO A 108 17.32 22.76 -2.30
N LEU A 109 18.13 23.51 -3.03
CA LEU A 109 19.42 23.09 -3.56
C LEU A 109 19.41 21.87 -4.47
N ASN A 110 18.34 21.80 -5.22
CA ASN A 110 18.17 20.75 -6.24
C ASN A 110 19.20 20.96 -7.36
N PRO A 111 20.01 19.99 -7.78
CA PRO A 111 20.88 20.10 -8.93
C PRO A 111 20.35 20.77 -10.17
N LYS A 112 21.06 21.78 -10.65
CA LYS A 112 20.69 22.46 -11.89
C LYS A 112 20.32 21.46 -12.99
N ALA A 113 21.07 20.40 -13.17
CA ALA A 113 20.75 19.41 -14.17
C ALA A 113 19.36 18.77 -13.97
N ASN A 114 19.00 18.37 -12.73
CA ASN A 114 17.71 17.72 -12.41
C ASN A 114 16.53 18.56 -12.73
N ARG A 115 16.61 19.85 -12.45
CA ARG A 115 15.52 20.73 -12.74
C ARG A 115 15.33 20.65 -14.25
N GLU A 116 16.46 20.62 -14.98
CA GLU A 116 16.44 20.57 -16.42
C GLU A 116 15.87 19.27 -16.94
N LYS A 117 16.33 18.10 -16.49
CA LYS A 117 15.72 16.85 -16.93
C LYS A 117 14.22 16.92 -16.61
N MET A 118 13.81 17.57 -15.55
CA MET A 118 12.41 17.71 -15.22
C MET A 118 11.68 18.56 -16.25
N THR A 119 12.31 19.63 -16.69
CA THR A 119 11.69 20.56 -17.65
C THR A 119 11.44 19.87 -19.00
N GLN A 120 12.45 19.08 -19.38
CA GLN A 120 12.53 18.27 -20.57
C GLN A 120 11.49 17.13 -20.59
N ILE A 121 11.26 16.34 -19.53
CA ILE A 121 10.23 15.30 -19.50
C ILE A 121 8.89 15.97 -19.69
N MET A 122 8.60 17.00 -18.93
CA MET A 122 7.35 17.68 -19.08
C MET A 122 7.11 18.07 -20.51
N PHE A 123 8.02 18.81 -21.11
CA PHE A 123 7.83 19.30 -22.46
C PHE A 123 7.93 18.23 -23.52
N GLU A 124 9.00 17.44 -23.52
CA GLU A 124 9.22 16.37 -24.47
C GLU A 124 8.29 15.18 -24.33
N THR A 125 8.21 14.60 -23.14
CA THR A 125 7.43 13.42 -22.92
C THR A 125 6.02 13.82 -22.56
N PHE A 126 5.71 14.77 -21.68
CA PHE A 126 4.30 14.97 -21.35
C PHE A 126 3.56 16.00 -22.17
N ASN A 127 4.36 16.65 -23.00
CA ASN A 127 3.97 17.73 -23.89
C ASN A 127 3.03 18.65 -23.14
N VAL A 128 3.57 19.20 -22.07
CA VAL A 128 2.84 20.17 -21.27
C VAL A 128 2.96 21.47 -22.06
N PRO A 129 1.90 22.27 -22.16
CA PRO A 129 1.89 23.54 -22.88
C PRO A 129 2.84 24.54 -22.28
N ALA A 130 2.68 24.74 -20.98
CA ALA A 130 3.49 25.67 -20.22
C ALA A 130 3.58 25.00 -18.87
N MET A 131 4.64 25.37 -18.16
CA MET A 131 5.06 24.72 -16.94
C MET A 131 5.87 25.66 -16.05
N TYR A 132 5.84 25.47 -14.73
CA TYR A 132 6.66 26.27 -13.83
C TYR A 132 7.30 25.31 -12.86
N VAL A 133 8.43 25.67 -12.28
CA VAL A 133 9.04 24.87 -11.25
C VAL A 133 9.36 25.85 -10.12
N ALA A 134 8.78 25.67 -8.92
CA ALA A 134 9.03 26.54 -7.80
C ALA A 134 9.70 25.75 -6.71
N ILE A 135 10.40 26.42 -5.79
CA ILE A 135 11.03 25.73 -4.69
C ILE A 135 9.95 25.52 -3.62
N GLN A 136 9.88 24.27 -3.16
CA GLN A 136 8.92 23.83 -2.16
C GLN A 136 8.71 24.84 -1.04
N ALA A 137 9.80 25.26 -0.35
CA ALA A 137 9.67 26.16 0.79
C ALA A 137 9.14 27.53 0.45
N VAL A 138 9.43 28.01 -0.75
CA VAL A 138 8.93 29.34 -1.06
C VAL A 138 7.40 29.26 -1.14
N LEU A 139 6.90 28.20 -1.76
CA LEU A 139 5.48 28.01 -1.85
C LEU A 139 4.88 28.01 -0.45
N SER A 140 5.43 27.34 0.57
CA SER A 140 4.81 27.35 1.90
C SER A 140 4.69 28.76 2.44
N LEU A 141 5.76 29.55 2.24
CA LEU A 141 5.79 30.90 2.77
C LEU A 141 4.78 31.80 2.10
N TYR A 142 4.76 31.79 0.78
CA TYR A 142 3.81 32.60 0.04
C TYR A 142 2.40 32.19 0.42
N ALA A 143 2.25 30.90 0.73
CA ALA A 143 0.97 30.37 1.16
C ALA A 143 0.59 31.01 2.50
N SER A 144 1.55 31.37 3.37
CA SER A 144 1.23 32.10 4.59
C SER A 144 0.82 33.54 4.25
N GLY A 145 0.77 33.91 2.99
CA GLY A 145 0.38 35.22 2.54
C GLY A 145 1.59 36.10 2.73
N ARG A 146 2.80 35.53 2.70
CA ARG A 146 3.94 36.38 2.89
C ARG A 146 5.08 36.06 1.95
N THR A 147 6.02 37.00 1.80
CA THR A 147 7.21 36.87 0.94
C THR A 147 8.52 36.93 1.73
N THR A 148 8.48 37.25 3.03
CA THR A 148 9.67 37.20 3.86
C THR A 148 9.37 36.43 5.14
N GLY A 149 10.25 35.49 5.36
CA GLY A 149 10.26 34.65 6.54
C GLY A 149 11.36 33.60 6.48
N ILE A 150 11.53 32.77 7.50
CA ILE A 150 12.42 31.63 7.32
C ILE A 150 11.49 30.43 7.54
N VAL A 151 11.68 29.34 6.81
CA VAL A 151 10.77 28.22 6.83
C VAL A 151 11.46 26.99 7.34
N LEU A 152 10.80 26.19 8.17
CA LEU A 152 11.38 24.90 8.50
C LEU A 152 10.48 23.98 7.72
N ASP A 153 10.98 23.15 6.82
CA ASP A 153 10.04 22.27 6.14
C ASP A 153 10.58 20.88 6.30
N SER A 154 9.69 20.06 6.86
CA SER A 154 10.07 18.77 7.35
C SER A 154 9.02 17.80 6.85
N GLY A 155 9.47 16.90 6.00
CA GLY A 155 8.60 15.93 5.40
C GLY A 155 8.96 14.55 5.91
N ASP A 156 9.08 13.70 4.89
CA ASP A 156 9.30 12.32 5.15
C ASP A 156 10.75 11.89 4.98
N GLY A 157 11.52 12.65 4.22
CA GLY A 157 12.86 12.22 3.95
C GLY A 157 13.81 13.38 4.10
N VAL A 158 13.39 14.63 4.18
CA VAL A 158 14.35 15.70 4.35
C VAL A 158 13.71 16.80 5.12
N THR A 159 14.54 17.58 5.80
CA THR A 159 14.10 18.74 6.53
C THR A 159 15.08 19.83 6.11
N HIS A 160 14.65 21.04 5.82
CA HIS A 160 15.50 22.14 5.38
C HIS A 160 15.13 23.40 6.13
N ASN A 161 16.09 24.27 6.35
CA ASN A 161 15.75 25.61 6.82
C ASN A 161 16.04 26.53 5.66
N VAL A 162 15.10 27.40 5.31
CA VAL A 162 15.24 28.21 4.13
C VAL A 162 14.83 29.63 4.40
N PRO A 163 15.74 30.58 4.38
CA PRO A 163 15.45 31.99 4.53
C PRO A 163 15.03 32.48 3.16
N ILE A 164 13.99 33.27 3.10
CA ILE A 164 13.51 33.79 1.83
C ILE A 164 13.29 35.22 2.15
N TYR A 165 13.71 36.07 1.25
CA TYR A 165 13.57 37.48 1.47
C TYR A 165 12.93 38.03 0.21
N GLU A 166 11.89 38.87 0.39
CA GLU A 166 11.16 39.43 -0.72
C GLU A 166 10.68 38.46 -1.80
N GLY A 167 10.52 37.17 -1.48
CA GLY A 167 10.06 36.18 -2.44
C GLY A 167 11.11 35.24 -3.00
N TYR A 168 12.42 35.30 -2.71
CA TYR A 168 13.40 34.33 -3.23
C TYR A 168 14.28 33.74 -2.11
N ALA A 169 14.55 32.43 -2.17
CA ALA A 169 15.33 31.71 -1.19
C ALA A 169 16.77 32.14 -1.23
N LEU A 170 17.39 32.25 -0.07
CA LEU A 170 18.74 32.79 0.04
C LEU A 170 19.72 31.64 0.13
N PRO A 171 20.35 31.33 -0.98
CA PRO A 171 20.87 30.03 -1.23
C PRO A 171 21.89 29.50 -0.27
N HIS A 172 22.92 30.19 0.14
CA HIS A 172 23.87 29.54 1.02
C HIS A 172 23.52 29.69 2.53
N ALA A 173 22.35 30.26 2.89
CA ALA A 173 21.90 30.21 4.29
C ALA A 173 20.89 29.05 4.53
N ILE A 174 20.67 28.25 3.47
CA ILE A 174 19.81 27.10 3.54
C ILE A 174 20.58 26.01 4.28
N MET A 175 19.93 25.46 5.29
CA MET A 175 20.50 24.34 6.00
C MET A 175 19.68 23.11 5.67
N ARG A 176 20.32 21.95 5.65
CA ARG A 176 19.69 20.70 5.27
C ARG A 176 20.00 19.68 6.36
N LEU A 177 18.93 19.22 6.97
CA LEU A 177 19.04 18.28 8.02
C LEU A 177 18.45 17.05 7.44
N ASP A 178 19.32 16.07 7.32
CA ASP A 178 18.97 14.77 6.77
C ASP A 178 18.22 13.89 7.80
N LEU A 179 17.05 14.30 8.30
CA LEU A 179 16.31 13.56 9.31
C LEU A 179 14.94 14.11 9.20
N ALA A 180 13.98 13.22 9.08
CA ALA A 180 12.60 13.65 8.95
C ALA A 180 11.76 12.41 9.22
N GLY A 181 10.46 12.56 8.92
CA GLY A 181 9.41 11.58 9.13
C GLY A 181 9.78 10.09 9.16
N ARG A 182 10.42 9.55 8.11
CA ARG A 182 10.63 8.11 8.13
C ARG A 182 11.52 7.69 9.27
N ASP A 183 12.51 8.52 9.56
CA ASP A 183 13.46 8.23 10.61
C ASP A 183 12.67 8.22 11.92
N LEU A 184 11.72 9.14 12.10
CA LEU A 184 11.02 9.15 13.35
C LEU A 184 10.17 7.90 13.46
N THR A 185 9.45 7.48 12.40
CA THR A 185 8.66 6.26 12.46
C THR A 185 9.56 5.11 12.79
N ASP A 186 10.73 4.97 12.18
CA ASP A 186 11.61 3.86 12.52
C ASP A 186 12.09 3.88 13.97
N TYR A 187 12.26 5.07 14.53
CA TYR A 187 12.75 5.23 15.87
C TYR A 187 11.61 4.75 16.76
N LEU A 188 10.36 5.14 16.51
CA LEU A 188 9.25 4.66 17.31
C LEU A 188 9.19 3.14 17.20
N MET A 189 9.40 2.50 16.04
CA MET A 189 9.39 1.06 15.98
C MET A 189 10.53 0.48 16.80
N LYS A 190 11.64 1.20 16.92
CA LYS A 190 12.80 0.80 17.70
C LYS A 190 12.35 0.71 19.14
N ILE A 191 11.78 1.80 19.63
CA ILE A 191 11.38 1.94 21.02
C ILE A 191 10.43 0.81 21.45
N LEU A 192 9.33 0.71 20.72
CA LEU A 192 8.31 -0.26 20.98
C LEU A 192 8.79 -1.68 20.86
N THR A 193 9.78 -2.01 20.03
CA THR A 193 10.24 -3.40 19.97
C THR A 193 11.13 -3.68 21.18
N GLU A 194 11.81 -2.67 21.77
CA GLU A 194 12.63 -2.92 22.95
C GLU A 194 11.68 -3.39 24.05
N ARG A 195 10.56 -2.67 24.17
CA ARG A 195 9.44 -2.94 25.07
C ARG A 195 8.67 -4.24 24.87
N GLY A 196 9.19 -5.20 24.11
CA GLY A 196 8.55 -6.47 23.90
C GLY A 196 7.36 -6.44 22.94
N TYR A 197 6.99 -5.30 22.35
CA TYR A 197 5.91 -5.36 21.39
C TYR A 197 6.60 -5.74 20.11
N SER A 198 5.94 -6.49 19.26
CA SER A 198 6.52 -6.70 17.97
C SER A 198 5.56 -6.28 16.90
N PHE A 199 6.19 -5.81 15.85
CA PHE A 199 5.51 -5.33 14.68
C PHE A 199 6.45 -6.00 13.71
N VAL A 200 5.99 -7.16 13.30
CA VAL A 200 6.77 -7.93 12.35
C VAL A 200 6.09 -7.98 10.99
N THR A 201 4.79 -8.12 10.96
CA THR A 201 4.14 -8.26 9.69
C THR A 201 4.13 -6.89 9.03
N THR A 202 3.86 -6.84 7.73
CA THR A 202 3.70 -5.59 7.04
C THR A 202 2.57 -4.75 7.62
N ALA A 203 1.44 -5.36 8.01
CA ALA A 203 0.30 -4.61 8.52
C ALA A 203 0.74 -3.98 9.83
N GLU A 204 1.34 -4.79 10.70
CA GLU A 204 1.75 -4.31 12.00
C GLU A 204 2.74 -3.17 11.95
N ARG A 205 3.78 -3.27 11.10
CA ARG A 205 4.78 -2.22 10.99
C ARG A 205 4.14 -1.00 10.40
N GLU A 206 3.23 -1.16 9.45
CA GLU A 206 2.53 -0.05 8.85
C GLU A 206 1.86 0.83 9.89
N ILE A 207 1.30 0.27 10.95
CA ILE A 207 0.52 1.08 11.87
C ILE A 207 1.28 1.97 12.82
N VAL A 208 2.60 1.72 12.99
CA VAL A 208 3.49 2.52 13.83
C VAL A 208 3.39 3.95 13.35
N ARG A 209 3.40 4.12 12.03
CA ARG A 209 3.30 5.41 11.41
C ARG A 209 2.05 6.14 11.88
N ASP A 210 0.99 5.37 12.06
CA ASP A 210 -0.27 5.89 12.54
C ASP A 210 -0.21 6.18 14.03
N ILE A 211 0.50 5.45 14.90
CA ILE A 211 0.48 5.86 16.30
C ILE A 211 1.34 7.12 16.37
N LYS A 212 2.32 7.19 15.47
CA LYS A 212 3.20 8.33 15.32
C LYS A 212 2.36 9.54 15.05
N GLU A 213 1.57 9.44 14.03
CA GLU A 213 0.81 10.60 13.66
C GLU A 213 -0.31 10.94 14.61
N LYS A 214 -0.66 9.99 15.49
CA LYS A 214 -1.82 10.12 16.35
C LYS A 214 -1.65 10.60 17.78
N LEU A 215 -0.66 9.94 18.37
CA LEU A 215 -0.32 10.07 19.77
C LEU A 215 1.04 10.69 20.04
N CYS A 216 1.98 10.82 19.08
CA CYS A 216 3.25 11.43 19.45
C CYS A 216 3.12 12.92 19.62
N TYR A 217 3.95 13.54 20.48
CA TYR A 217 3.92 14.99 20.63
C TYR A 217 5.26 15.57 21.13
N VAL A 218 5.43 16.88 21.12
CA VAL A 218 6.69 17.46 21.53
C VAL A 218 6.59 18.12 22.90
N ALA A 219 7.39 17.58 23.77
CA ALA A 219 7.52 18.07 25.12
C ALA A 219 8.13 19.48 25.13
N LEU A 220 7.48 20.46 25.80
CA LEU A 220 8.07 21.79 26.00
C LEU A 220 9.36 21.65 26.77
N ASP A 221 9.42 20.80 27.77
CA ASP A 221 10.70 20.57 28.40
C ASP A 221 10.85 19.11 28.54
N PHE A 222 11.58 18.52 27.61
CA PHE A 222 11.82 17.11 27.66
C PHE A 222 12.14 16.58 29.05
N GLU A 223 13.04 17.26 29.74
CA GLU A 223 13.47 16.82 31.07
C GLU A 223 12.37 16.70 32.13
N ASN A 224 11.41 17.62 32.09
CA ASN A 224 10.37 17.60 33.08
C ASN A 224 9.38 16.51 32.73
N GLU A 225 9.04 16.42 31.43
CA GLU A 225 8.16 15.41 30.89
C GLU A 225 8.53 14.03 31.35
N MET A 226 9.83 13.81 31.15
CA MET A 226 10.54 12.62 31.51
C MET A 226 10.26 12.38 32.98
N ALA A 227 10.32 13.36 33.85
CA ALA A 227 9.94 13.16 35.25
C ALA A 227 8.45 12.88 35.39
N THR A 228 7.54 13.59 34.72
CA THR A 228 6.09 13.38 34.81
C THR A 228 5.74 11.94 34.51
N ALA A 229 6.15 11.41 33.37
CA ALA A 229 5.93 10.02 33.01
C ALA A 229 6.46 9.00 33.99
N ALA A 230 7.55 9.30 34.70
CA ALA A 230 8.12 8.38 35.67
C ALA A 230 7.30 8.29 36.92
N SER A 231 6.49 9.31 37.18
CA SER A 231 5.71 9.33 38.37
C SER A 231 4.19 9.23 38.21
N SER A 232 3.62 9.17 36.99
CA SER A 232 2.18 9.22 36.82
C SER A 232 1.70 8.26 35.76
N SER A 233 0.46 8.44 35.34
CA SER A 233 -0.09 7.62 34.27
C SER A 233 -0.82 8.48 33.26
N SER A 234 -0.90 9.77 33.61
CA SER A 234 -1.49 10.80 32.81
C SER A 234 -0.93 10.91 31.41
N LEU A 235 0.36 10.67 31.22
CA LEU A 235 0.92 10.75 29.88
C LEU A 235 0.69 9.49 29.07
N GLU A 236 0.19 8.41 29.68
CA GLU A 236 0.15 7.12 29.01
C GLU A 236 -1.10 7.12 28.13
N LYS A 237 -1.07 6.45 26.97
CA LYS A 237 -2.22 6.29 26.08
C LYS A 237 -2.10 4.90 25.46
N SER A 238 -3.21 4.30 25.10
CA SER A 238 -3.15 3.00 24.48
C SER A 238 -3.59 3.09 23.03
N TYR A 239 -3.30 2.06 22.26
CA TYR A 239 -3.68 2.01 20.88
C TYR A 239 -3.91 0.55 20.53
N GLU A 240 -5.08 0.20 19.99
CA GLU A 240 -5.39 -1.16 19.54
C GLU A 240 -4.67 -1.53 18.24
N LEU A 241 -3.82 -2.54 18.30
CA LEU A 241 -3.11 -3.07 17.13
C LEU A 241 -4.15 -3.57 16.15
N PRO A 242 -3.91 -3.65 14.82
CA PRO A 242 -4.87 -4.16 13.85
C PRO A 242 -5.40 -5.53 14.22
N ASP A 243 -4.60 -6.27 15.01
CA ASP A 243 -5.00 -7.59 15.42
C ASP A 243 -5.81 -7.59 16.72
N GLY A 244 -6.46 -6.52 17.17
CA GLY A 244 -7.21 -6.55 18.41
C GLY A 244 -6.35 -6.42 19.68
N GLN A 245 -5.14 -7.00 19.76
CA GLN A 245 -4.27 -6.83 20.92
C GLN A 245 -3.95 -5.34 21.01
N VAL A 246 -3.84 -4.79 22.22
CA VAL A 246 -3.60 -3.36 22.41
C VAL A 246 -2.11 -3.04 22.63
N ILE A 247 -1.74 -1.76 22.53
CA ILE A 247 -0.39 -1.22 22.67
C ILE A 247 -0.59 -0.11 23.71
N THR A 248 0.32 0.12 24.63
CA THR A 248 0.21 1.25 25.56
C THR A 248 1.60 1.84 25.70
N ILE A 249 1.71 3.08 25.29
CA ILE A 249 2.96 3.81 25.38
C ILE A 249 2.67 5.08 26.13
N GLY A 250 3.67 5.63 26.80
CA GLY A 250 3.40 6.82 27.58
C GLY A 250 4.52 7.79 27.38
N ASN A 251 5.75 7.45 27.74
CA ASN A 251 6.82 8.42 27.51
C ASN A 251 7.26 8.40 26.03
N GLU A 252 7.27 7.24 25.35
CA GLU A 252 7.46 7.10 23.89
C GLU A 252 6.96 8.23 22.99
N ARG A 253 5.75 8.62 23.42
CA ARG A 253 4.99 9.67 22.78
C ARG A 253 5.80 10.95 22.53
N PHE A 254 6.65 11.49 23.44
CA PHE A 254 7.40 12.70 23.13
C PHE A 254 8.84 12.34 22.91
N ARG A 255 9.26 11.17 23.34
CA ARG A 255 10.58 10.70 23.04
C ARG A 255 10.79 10.62 21.54
N CYS A 256 9.90 10.08 20.69
CA CYS A 256 10.25 9.94 19.28
C CYS A 256 10.50 11.24 18.54
N PRO A 257 9.64 12.27 18.55
CA PRO A 257 9.91 13.56 17.95
C PRO A 257 11.00 14.35 18.63
N GLU A 258 11.39 13.98 19.85
CA GLU A 258 12.47 14.68 20.53
C GLU A 258 13.71 14.49 19.66
N THR A 259 13.76 13.44 18.84
CA THR A 259 14.86 13.26 17.92
C THR A 259 15.03 14.51 17.07
N LEU A 260 13.99 15.28 16.79
CA LEU A 260 14.13 16.47 15.95
C LEU A 260 14.94 17.57 16.60
N PHE A 261 15.04 17.55 17.92
CA PHE A 261 15.77 18.53 18.68
C PHE A 261 17.07 17.96 19.19
N GLN A 262 17.11 16.67 19.43
CA GLN A 262 18.29 16.07 19.92
C GLN A 262 18.59 14.86 19.03
N PRO A 263 19.17 14.98 17.83
CA PRO A 263 19.52 13.84 16.98
C PRO A 263 20.38 12.73 17.60
N SER A 264 20.89 12.99 18.81
CA SER A 264 21.61 12.06 19.64
C SER A 264 20.83 10.77 19.70
N PHE A 265 19.51 10.89 19.88
CA PHE A 265 18.68 9.72 20.11
C PHE A 265 18.60 8.70 18.98
N ILE A 266 19.08 9.07 17.79
CA ILE A 266 19.18 8.09 16.74
C ILE A 266 20.62 7.96 16.29
N GLY A 267 21.54 8.43 17.13
CA GLY A 267 22.97 8.42 16.88
C GLY A 267 23.42 9.42 15.81
N MET A 268 22.57 10.40 15.53
CA MET A 268 22.84 11.34 14.49
C MET A 268 23.57 12.52 15.08
N GLU A 269 24.89 12.39 15.04
CA GLU A 269 25.78 13.46 15.49
C GLU A 269 25.61 14.58 14.46
N SER A 270 24.72 15.51 14.77
CA SER A 270 24.31 16.58 13.88
C SER A 270 23.50 17.52 14.75
N ALA A 271 23.13 18.72 14.35
CA ALA A 271 22.39 19.62 15.22
C ALA A 271 20.88 19.52 15.01
N GLY A 272 20.05 20.00 15.94
CA GLY A 272 18.62 19.83 15.85
C GLY A 272 17.92 21.05 15.33
N ILE A 273 16.72 20.79 14.80
CA ILE A 273 15.80 21.73 14.21
C ILE A 273 15.85 23.12 14.78
N HIS A 274 15.58 23.41 16.06
CA HIS A 274 15.76 24.73 16.67
C HIS A 274 17.07 25.48 16.31
N GLU A 275 18.22 24.80 16.40
CA GLU A 275 19.53 25.37 16.15
C GLU A 275 19.79 25.46 14.68
N THR A 276 19.36 24.49 13.86
CA THR A 276 19.48 24.62 12.41
C THR A 276 18.73 25.90 12.02
N THR A 277 17.60 26.20 12.65
CA THR A 277 16.85 27.39 12.29
C THR A 277 17.62 28.65 12.68
N TYR A 278 18.17 28.64 13.89
CA TYR A 278 19.01 29.70 14.41
C TYR A 278 20.18 29.95 13.44
N ASN A 279 21.03 28.96 13.21
CA ASN A 279 22.18 29.04 12.35
C ASN A 279 21.84 29.55 10.97
N SER A 280 20.67 29.26 10.37
CA SER A 280 20.38 29.78 9.04
C SER A 280 20.20 31.26 9.17
N ILE A 281 19.38 31.69 10.14
CA ILE A 281 19.08 33.09 10.35
C ILE A 281 20.38 33.87 10.55
N MET A 282 21.37 33.33 11.27
CA MET A 282 22.64 34.00 11.42
C MET A 282 23.43 34.05 10.10
N LYS A 283 23.17 33.24 9.07
CA LYS A 283 23.88 33.42 7.82
C LYS A 283 23.22 34.55 7.03
N CYS A 284 22.06 35.05 7.48
CA CYS A 284 21.42 36.11 6.77
C CYS A 284 21.93 37.49 7.07
N ASP A 285 21.57 38.40 6.16
CA ASP A 285 21.89 39.79 6.33
C ASP A 285 21.16 40.33 7.56
N ILE A 286 21.96 40.83 8.49
CA ILE A 286 21.52 41.42 9.73
C ILE A 286 20.31 42.36 9.70
N ASP A 287 19.83 42.90 8.60
CA ASP A 287 18.64 43.75 8.67
C ASP A 287 17.43 42.87 8.48
N ILE A 288 17.49 41.89 7.56
CA ILE A 288 16.33 41.03 7.30
C ILE A 288 16.04 40.12 8.49
N ARG A 289 17.06 39.84 9.30
CA ARG A 289 16.95 38.96 10.46
C ARG A 289 15.77 39.22 11.39
N LYS A 290 15.45 40.48 11.62
CA LYS A 290 14.37 40.84 12.51
C LYS A 290 13.09 40.19 11.96
N ASP A 291 12.95 40.31 10.64
CA ASP A 291 11.84 39.76 9.90
C ASP A 291 11.86 38.24 9.90
N LEU A 292 13.02 37.63 10.00
CA LEU A 292 13.06 36.20 9.92
C LEU A 292 12.56 35.65 11.23
N TYR A 293 13.01 36.20 12.37
CA TYR A 293 12.56 35.70 13.67
C TYR A 293 11.05 35.88 13.75
N ALA A 294 10.47 36.94 13.21
CA ALA A 294 9.05 37.12 13.27
C ALA A 294 8.25 36.37 12.24
N ASN A 295 8.93 35.74 11.29
CA ASN A 295 8.19 35.08 10.22
C ASN A 295 8.85 33.76 9.97
N ASN A 296 8.87 33.07 11.09
CA ASN A 296 9.46 31.77 11.16
C ASN A 296 8.31 30.74 11.04
N VAL A 297 8.05 30.37 9.78
CA VAL A 297 6.96 29.53 9.37
C VAL A 297 7.29 28.05 9.35
N LEU A 298 6.32 27.22 9.77
CA LEU A 298 6.54 25.77 9.86
C LEU A 298 5.80 25.08 8.74
N SER A 299 6.44 24.11 8.15
CA SER A 299 5.87 23.49 7.01
C SER A 299 6.20 22.00 6.91
N GLY A 300 5.22 21.19 6.52
CA GLY A 300 5.49 19.78 6.23
C GLY A 300 4.75 18.82 7.15
N GLY A 301 4.84 17.51 6.93
CA GLY A 301 4.18 16.54 7.80
C GLY A 301 4.87 16.44 9.14
N THR A 302 6.20 16.38 9.26
CA THR A 302 6.88 16.28 10.54
C THR A 302 6.74 17.52 11.42
N THR A 303 6.28 18.60 10.86
CA THR A 303 5.97 19.83 11.51
C THR A 303 4.62 19.65 12.18
N MET A 304 3.98 18.49 12.16
CA MET A 304 2.61 18.41 12.65
C MET A 304 2.40 18.30 14.15
N TYR A 305 3.34 17.64 14.85
CA TYR A 305 3.21 17.36 16.28
C TYR A 305 2.68 18.53 17.07
N PRO A 306 1.66 18.28 17.90
CA PRO A 306 1.30 19.15 19.02
C PRO A 306 2.58 19.50 19.77
N GLY A 307 2.52 20.70 20.22
CA GLY A 307 3.60 21.19 21.03
C GLY A 307 4.72 21.80 20.22
N ILE A 308 5.02 21.31 18.99
CA ILE A 308 6.24 21.68 18.29
C ILE A 308 6.50 23.16 18.15
N ALA A 309 5.42 23.90 17.92
CA ALA A 309 5.48 25.33 17.77
C ALA A 309 5.95 26.03 19.03
N ASP A 310 5.47 25.55 20.18
CA ASP A 310 5.85 26.14 21.43
C ASP A 310 7.27 25.82 21.73
N ARG A 311 7.76 24.63 21.37
CA ARG A 311 9.16 24.41 21.66
C ARG A 311 10.00 25.21 20.69
N MET A 312 9.69 25.37 19.39
CA MET A 312 10.49 26.25 18.53
C MET A 312 10.54 27.63 19.12
N GLN A 313 9.38 28.15 19.54
CA GLN A 313 9.26 29.43 20.23
C GLN A 313 10.31 29.54 21.34
N LYS A 314 10.21 28.59 22.28
CA LYS A 314 11.03 28.55 23.48
C LYS A 314 12.51 28.37 23.22
N GLU A 315 12.87 27.36 22.45
CA GLU A 315 14.25 27.07 22.13
C GLU A 315 14.98 28.15 21.34
N ILE A 316 14.28 28.81 20.41
CA ILE A 316 14.87 29.88 19.62
C ILE A 316 14.95 31.09 20.54
N THR A 317 13.95 31.39 21.36
CA THR A 317 14.04 32.50 22.28
C THR A 317 15.24 32.33 23.21
N ALA A 318 15.52 31.20 23.84
CA ALA A 318 16.72 31.06 24.65
C ALA A 318 18.06 31.08 23.87
N LEU A 319 18.01 31.36 22.58
CA LEU A 319 19.16 31.35 21.70
C LEU A 319 19.21 32.67 20.95
N ALA A 320 18.06 33.29 20.70
CA ALA A 320 17.97 34.48 19.92
C ALA A 320 18.32 35.65 20.80
N PRO A 321 18.92 36.73 20.32
CA PRO A 321 19.28 37.85 21.15
C PRO A 321 18.04 38.49 21.75
N SER A 322 17.93 38.38 23.06
CA SER A 322 16.92 39.03 23.91
C SER A 322 15.86 40.09 23.49
N THR A 323 15.96 40.79 22.35
CA THR A 323 14.95 41.73 21.86
C THR A 323 14.19 41.32 20.60
N MET A 324 14.54 40.16 20.03
CA MET A 324 13.89 39.74 18.81
C MET A 324 12.51 39.19 19.08
N LYS A 325 11.56 39.71 18.33
CA LYS A 325 10.20 39.28 18.43
C LYS A 325 10.16 37.98 17.64
N ILE A 326 10.29 36.86 18.34
CA ILE A 326 10.26 35.55 17.68
C ILE A 326 8.77 35.23 17.46
N LYS A 327 8.36 34.76 16.28
CA LYS A 327 7.02 34.33 16.03
C LYS A 327 7.12 33.07 15.24
N ILE A 328 6.66 31.96 15.81
CA ILE A 328 6.67 30.69 15.11
C ILE A 328 5.25 30.69 14.58
N ILE A 329 5.07 30.57 13.27
CA ILE A 329 3.75 30.45 12.66
C ILE A 329 3.57 29.05 12.12
N ALA A 330 2.53 28.38 12.59
CA ALA A 330 2.30 27.02 12.17
C ALA A 330 0.90 26.96 11.56
N PRO A 331 0.66 26.97 10.25
CA PRO A 331 -0.68 26.89 9.68
C PRO A 331 -1.48 25.60 9.94
N PRO A 332 -2.79 25.65 10.11
CA PRO A 332 -3.61 24.44 10.36
C PRO A 332 -3.42 23.46 9.23
N GLU A 333 -3.43 23.93 7.98
CA GLU A 333 -3.30 23.03 6.84
C GLU A 333 -1.84 22.74 6.50
N ARG A 334 -0.85 22.91 7.40
CA ARG A 334 0.54 22.86 7.01
C ARG A 334 1.17 21.59 6.42
N LYS A 335 0.46 20.46 6.41
CA LYS A 335 1.04 19.31 5.74
C LYS A 335 0.78 19.42 4.23
N TYR A 336 -0.07 20.37 3.84
CA TYR A 336 -0.38 20.61 2.47
C TYR A 336 0.05 21.96 1.92
N SER A 337 0.82 22.70 2.72
CA SER A 337 1.22 24.09 2.46
C SER A 337 1.90 24.43 1.16
N VAL A 338 2.77 23.51 0.75
CA VAL A 338 3.56 23.70 -0.44
C VAL A 338 2.54 23.60 -1.55
N TRP A 339 1.80 22.47 -1.60
CA TRP A 339 0.82 22.31 -2.66
C TRP A 339 -0.11 23.53 -2.65
N ILE A 340 -0.66 23.95 -1.51
CA ILE A 340 -1.60 25.05 -1.42
C ILE A 340 -1.00 26.31 -2.02
N GLY A 341 0.30 26.46 -1.76
CA GLY A 341 1.08 27.57 -2.24
C GLY A 341 1.05 27.56 -3.75
N GLY A 342 1.47 26.42 -4.25
CA GLY A 342 1.49 26.14 -5.66
C GLY A 342 0.15 26.41 -6.32
N SER A 343 -0.95 26.09 -5.62
CA SER A 343 -2.27 26.31 -6.17
C SER A 343 -2.44 27.80 -6.21
N ILE A 344 -2.44 28.47 -5.05
CA ILE A 344 -2.60 29.92 -4.98
C ILE A 344 -1.81 30.69 -6.06
N LEU A 345 -0.51 30.43 -6.27
CA LEU A 345 0.27 31.11 -7.29
C LEU A 345 -0.25 30.84 -8.68
N ALA A 346 -0.44 29.56 -8.96
CA ALA A 346 -0.89 29.17 -10.28
C ALA A 346 -2.22 29.80 -10.64
N SER A 347 -2.99 30.25 -9.64
CA SER A 347 -4.30 30.83 -9.86
C SER A 347 -4.29 32.30 -10.25
N LEU A 348 -3.21 32.99 -9.91
CA LEU A 348 -3.13 34.41 -10.16
C LEU A 348 -2.84 34.66 -11.63
N SER A 349 -3.61 35.58 -12.23
CA SER A 349 -3.44 35.83 -13.66
C SER A 349 -2.03 36.34 -13.90
N THR A 350 -1.52 37.16 -12.95
CA THR A 350 -0.14 37.64 -12.95
C THR A 350 0.88 36.57 -13.34
N PHE A 351 0.77 35.45 -12.61
CA PHE A 351 1.68 34.34 -12.76
C PHE A 351 1.68 33.77 -14.18
N GLN A 352 0.60 33.94 -14.97
CA GLN A 352 0.62 33.49 -16.35
C GLN A 352 1.80 34.02 -17.14
N GLN A 353 2.35 35.17 -16.77
CA GLN A 353 3.53 35.70 -17.45
C GLN A 353 4.84 34.95 -17.15
N MET A 354 5.06 34.50 -15.91
CA MET A 354 6.34 33.88 -15.54
C MET A 354 6.42 32.44 -16.05
N TRP A 355 5.27 31.91 -16.43
CA TRP A 355 5.14 30.55 -16.93
C TRP A 355 5.90 30.36 -18.24
N ILE A 356 6.82 29.41 -18.21
CA ILE A 356 7.59 29.11 -19.39
C ILE A 356 6.75 28.18 -20.29
N SER A 357 6.62 28.53 -21.57
CA SER A 357 5.86 27.74 -22.53
C SER A 357 6.76 26.93 -23.45
N LYS A 358 6.24 25.90 -24.12
CA LYS A 358 7.04 25.06 -25.00
C LYS A 358 7.77 25.89 -26.06
N GLN A 359 7.13 27.00 -26.46
CA GLN A 359 7.74 28.00 -27.33
C GLN A 359 9.09 28.42 -26.74
N GLU A 360 9.17 28.85 -25.47
CA GLU A 360 10.44 29.20 -24.85
C GLU A 360 11.39 28.03 -24.92
N TYR A 361 10.84 26.82 -24.86
CA TYR A 361 11.64 25.64 -24.93
C TYR A 361 12.21 25.44 -26.33
N ASP A 362 11.69 26.04 -27.42
CA ASP A 362 12.32 26.02 -28.77
C ASP A 362 13.68 26.72 -28.62
N GLU A 363 13.74 27.61 -27.63
CA GLU A 363 14.94 28.30 -27.21
C GLU A 363 15.51 27.72 -25.89
N ALA A 364 15.55 26.37 -25.80
CA ALA A 364 16.24 25.50 -24.82
C ALA A 364 15.96 25.13 -23.34
N GLY A 365 15.72 26.12 -22.47
CA GLY A 365 15.57 25.89 -21.03
C GLY A 365 16.91 25.68 -20.32
N PRO A 366 17.52 26.72 -19.72
CA PRO A 366 18.59 26.59 -18.70
C PRO A 366 18.15 26.73 -17.24
N SER A 367 17.04 27.45 -17.04
CA SER A 367 16.39 27.66 -15.77
C SER A 367 17.24 28.04 -14.56
N ILE A 368 18.04 27.19 -13.91
CA ILE A 368 18.58 27.50 -12.58
C ILE A 368 19.61 28.60 -12.29
N VAL A 369 20.84 28.49 -12.83
CA VAL A 369 21.98 29.37 -12.54
C VAL A 369 22.05 29.90 -11.09
N HIS A 370 22.16 28.90 -10.18
CA HIS A 370 22.20 29.01 -8.70
C HIS A 370 23.07 30.05 -8.00
N ARG A 371 22.60 30.52 -6.83
CA ARG A 371 23.18 31.72 -6.25
C ARG A 371 23.67 31.93 -4.79
N LYS A 372 23.50 33.16 -4.27
CA LYS A 372 24.14 33.76 -3.11
C LYS A 372 23.88 33.49 -1.62
N CYS A 373 23.54 34.52 -0.79
CA CYS A 373 23.58 34.62 0.68
C CYS A 373 24.15 33.45 1.41
N PHE A 374 25.07 33.74 2.32
CA PHE A 374 26.08 32.78 2.71
C PHE A 374 26.25 32.78 4.24
N LEU B 1 -3.96 -33.85 -15.79
CA LEU B 1 -3.79 -32.70 -14.95
C LEU B 1 -4.11 -33.10 -13.51
N LYS B 2 -3.48 -32.58 -12.49
CA LYS B 2 -3.85 -32.93 -11.12
C LYS B 2 -4.29 -31.62 -10.48
N ILE B 3 -5.53 -31.39 -10.03
CA ILE B 3 -5.84 -30.11 -9.39
C ILE B 3 -6.30 -30.26 -7.90
N ALA B 4 -5.98 -29.37 -6.94
CA ALA B 4 -6.50 -29.44 -5.61
C ALA B 4 -7.18 -28.15 -5.15
N ALA B 5 -7.89 -28.22 -4.02
CA ALA B 5 -8.43 -27.05 -3.37
C ALA B 5 -7.85 -27.23 -1.96
N PHE B 6 -6.94 -26.38 -1.44
CA PHE B 6 -6.41 -26.54 -0.11
C PHE B 6 -6.80 -25.30 0.72
N ASN B 7 -7.34 -25.47 1.93
CA ASN B 7 -7.67 -24.35 2.83
C ASN B 7 -6.47 -24.46 3.75
N ILE B 8 -5.57 -23.48 3.70
CA ILE B 8 -4.37 -23.44 4.55
C ILE B 8 -4.68 -22.38 5.61
N ARG B 9 -4.70 -22.80 6.85
CA ARG B 9 -5.28 -21.95 7.91
C ARG B 9 -4.43 -20.73 8.16
N THR B 10 -5.02 -19.54 8.09
CA THR B 10 -4.37 -18.26 8.32
C THR B 10 -3.05 -18.16 7.56
N PHE B 11 -3.25 -18.44 6.29
CA PHE B 11 -2.17 -18.32 5.35
C PHE B 11 -1.84 -16.82 5.43
N GLY B 12 -0.56 -16.65 5.75
CA GLY B 12 -0.13 -15.29 5.96
C GLY B 12 1.33 -15.30 6.30
N GLU B 13 1.71 -14.06 6.58
CA GLU B 13 3.10 -13.71 6.79
C GLU B 13 3.82 -14.63 7.74
N THR B 14 3.29 -14.69 8.94
CA THR B 14 3.87 -15.50 10.01
C THR B 14 4.10 -16.92 9.53
N LYS B 15 3.06 -17.44 8.89
CA LYS B 15 3.06 -18.82 8.53
C LYS B 15 4.14 -19.06 7.55
N MET B 16 4.15 -18.17 6.57
CA MET B 16 5.09 -18.28 5.47
C MET B 16 6.46 -17.75 5.83
N SER B 17 6.62 -17.23 7.06
CA SER B 17 7.91 -16.81 7.50
C SER B 17 8.58 -18.02 8.12
N ASN B 18 7.79 -18.90 8.76
CA ASN B 18 8.34 -20.09 9.37
C ASN B 18 8.80 -21.06 8.27
N ALA B 19 10.11 -21.14 8.05
CA ALA B 19 10.75 -22.02 7.08
C ALA B 19 10.33 -23.46 7.18
N THR B 20 9.88 -24.04 8.30
CA THR B 20 9.54 -25.46 8.20
C THR B 20 8.16 -25.60 7.64
N LEU B 21 7.28 -24.68 8.05
CA LEU B 21 5.91 -24.72 7.56
C LEU B 21 5.82 -24.41 6.07
N ALA B 22 6.70 -23.49 5.64
CA ALA B 22 6.76 -23.09 4.23
C ALA B 22 7.26 -24.19 3.31
N SER B 23 8.23 -24.96 3.79
CA SER B 23 8.76 -26.09 3.07
C SER B 23 7.67 -27.08 2.74
N TYR B 24 6.86 -27.37 3.78
CA TYR B 24 5.73 -28.27 3.70
C TYR B 24 4.71 -27.77 2.72
N ILE B 25 4.26 -26.52 2.84
CA ILE B 25 3.34 -25.94 1.89
C ILE B 25 3.90 -26.07 0.52
N VAL B 26 5.19 -25.80 0.32
CA VAL B 26 5.78 -25.89 -0.98
C VAL B 26 5.71 -27.31 -1.46
N ARG B 27 5.99 -28.29 -0.60
CA ARG B 27 5.98 -29.67 -1.05
C ARG B 27 4.56 -30.10 -1.45
N ILE B 28 3.58 -29.57 -0.72
CA ILE B 28 2.22 -29.91 -1.02
C ILE B 28 1.83 -29.16 -2.33
N VAL B 29 1.97 -27.84 -2.41
CA VAL B 29 1.62 -27.11 -3.63
C VAL B 29 2.24 -27.74 -4.89
N ARG B 30 3.46 -28.29 -4.84
CA ARG B 30 4.09 -28.81 -6.04
C ARG B 30 3.46 -30.07 -6.62
N ARG B 31 2.58 -30.76 -5.91
CA ARG B 31 1.94 -31.92 -6.50
C ARG B 31 1.01 -31.51 -7.61
N TYR B 32 0.57 -30.24 -7.59
CA TYR B 32 -0.52 -29.81 -8.43
C TYR B 32 -0.16 -28.84 -9.57
N ASP B 33 -0.98 -29.03 -10.59
CA ASP B 33 -0.93 -28.21 -11.74
C ASP B 33 -1.81 -27.00 -11.52
N ILE B 34 -2.97 -27.06 -10.86
CA ILE B 34 -3.84 -25.94 -10.55
C ILE B 34 -4.13 -26.19 -9.05
N VAL B 35 -3.80 -25.32 -8.07
CA VAL B 35 -4.24 -25.56 -6.67
C VAL B 35 -4.92 -24.25 -6.29
N LEU B 36 -6.06 -24.33 -5.60
CA LEU B 36 -6.80 -23.19 -5.08
C LEU B 36 -6.38 -23.07 -3.59
N ILE B 37 -5.87 -21.94 -3.07
CA ILE B 37 -5.54 -21.78 -1.67
C ILE B 37 -6.47 -20.68 -1.19
N GLN B 38 -7.18 -21.16 -0.19
CA GLN B 38 -8.19 -20.41 0.50
C GLN B 38 -7.62 -19.97 1.83
N GLU B 39 -8.37 -19.09 2.47
CA GLU B 39 -8.05 -18.53 3.74
C GLU B 39 -6.69 -17.82 3.73
N VAL B 40 -6.47 -17.05 2.67
CA VAL B 40 -5.27 -16.21 2.55
C VAL B 40 -5.51 -14.85 3.23
N ARG B 41 -5.03 -14.72 4.44
CA ARG B 41 -5.26 -13.47 5.15
C ARG B 41 -3.88 -12.85 4.98
N ASP B 42 -3.71 -12.05 3.94
CA ASP B 42 -2.39 -11.49 3.65
C ASP B 42 -2.62 -10.09 3.17
N SER B 43 -2.80 -9.15 4.07
CA SER B 43 -2.99 -7.75 3.76
C SER B 43 -2.22 -7.10 2.54
N HIS B 44 -1.02 -7.56 2.21
CA HIS B 44 -0.15 -6.88 1.24
C HIS B 44 0.47 -7.88 0.33
N LEU B 45 -0.15 -9.04 0.16
CA LEU B 45 0.36 -10.12 -0.65
C LEU B 45 1.80 -10.47 -0.39
N VAL B 46 2.29 -10.13 0.79
CA VAL B 46 3.64 -10.61 1.13
C VAL B 46 3.80 -12.14 1.16
N ALA B 47 2.85 -12.92 1.72
CA ALA B 47 3.01 -14.38 1.86
C ALA B 47 2.78 -15.12 0.56
N VAL B 48 1.93 -14.51 -0.24
CA VAL B 48 1.69 -15.05 -1.57
C VAL B 48 3.01 -14.86 -2.32
N GLY B 49 3.65 -13.71 -2.11
CA GLY B 49 4.89 -13.38 -2.78
C GLY B 49 6.00 -14.29 -2.33
N LYS B 50 6.15 -14.46 -1.03
CA LYS B 50 7.12 -15.39 -0.47
C LYS B 50 6.93 -16.84 -0.98
N LEU B 51 5.66 -17.32 -0.99
CA LEU B 51 5.33 -18.65 -1.53
C LEU B 51 5.85 -18.78 -2.96
N LEU B 52 5.46 -17.78 -3.76
CA LEU B 52 5.88 -17.72 -5.13
C LEU B 52 7.38 -17.64 -5.27
N ASP B 53 8.06 -16.86 -4.40
CA ASP B 53 9.51 -16.83 -4.41
C ASP B 53 10.01 -18.26 -4.26
N TYR B 54 9.45 -19.05 -3.34
CA TYR B 54 9.82 -20.43 -3.23
C TYR B 54 9.59 -21.26 -4.47
N LEU B 55 8.40 -21.17 -5.04
CA LEU B 55 8.05 -22.02 -6.19
C LEU B 55 8.78 -21.70 -7.47
N ASN B 56 8.95 -20.42 -7.74
CA ASN B 56 9.57 -19.97 -8.98
C ASN B 56 11.07 -19.79 -9.01
N GLN B 57 11.67 -19.95 -7.83
CA GLN B 57 13.08 -20.11 -7.58
C GLN B 57 13.99 -20.50 -8.73
N ASP B 58 13.82 -21.59 -9.49
CA ASP B 58 14.73 -21.83 -10.58
C ASP B 58 14.09 -21.96 -11.96
N ASP B 59 12.89 -21.47 -12.06
CA ASP B 59 12.26 -21.27 -13.33
C ASP B 59 11.19 -20.30 -12.94
N PRO B 60 11.38 -19.02 -13.33
CA PRO B 60 10.51 -17.91 -12.96
C PRO B 60 9.06 -18.15 -13.40
N ASN B 61 8.83 -19.20 -14.18
CA ASN B 61 7.50 -19.57 -14.57
C ASN B 61 7.06 -20.95 -14.14
N THR B 62 7.54 -21.58 -13.04
CA THR B 62 6.98 -22.85 -12.62
C THR B 62 5.49 -22.63 -12.29
N TYR B 63 5.13 -21.47 -11.74
CA TYR B 63 3.77 -21.16 -11.34
C TYR B 63 3.49 -19.73 -11.63
N HIS B 64 2.28 -19.50 -12.07
CA HIS B 64 1.72 -18.19 -12.15
C HIS B 64 0.56 -18.25 -11.13
N TYR B 65 -0.04 -17.10 -10.82
CA TYR B 65 -1.08 -16.92 -9.79
C TYR B 65 -2.29 -16.17 -10.33
N VAL B 66 -3.44 -16.30 -9.67
CA VAL B 66 -4.60 -15.44 -9.89
C VAL B 66 -5.05 -15.12 -8.45
N VAL B 67 -5.40 -13.90 -8.03
CA VAL B 67 -5.72 -13.73 -6.62
C VAL B 67 -6.77 -12.67 -6.54
N SER B 68 -7.72 -12.85 -5.67
CA SER B 68 -8.76 -11.85 -5.59
C SER B 68 -8.22 -10.84 -4.59
N GLU B 69 -9.05 -9.86 -4.35
CA GLU B 69 -8.91 -8.85 -3.34
C GLU B 69 -9.39 -9.50 -2.05
N PRO B 70 -9.03 -9.05 -0.82
CA PRO B 70 -9.76 -9.36 0.41
C PRO B 70 -11.28 -9.31 0.26
N LEU B 71 -11.84 -10.46 0.58
CA LEU B 71 -13.26 -10.60 0.57
C LEU B 71 -13.73 -10.98 2.01
N GLY B 72 -14.95 -10.55 2.30
CA GLY B 72 -15.62 -10.82 3.55
C GLY B 72 -16.63 -9.70 3.73
N ARG B 73 -17.71 -9.88 4.46
CA ARG B 73 -18.66 -8.78 4.64
C ARG B 73 -18.19 -7.96 5.85
N ASN B 74 -17.36 -6.97 5.52
CA ASN B 74 -16.64 -6.10 6.46
C ASN B 74 -16.33 -6.61 7.84
N SER B 75 -15.40 -7.54 7.83
CA SER B 75 -15.08 -8.25 9.04
C SER B 75 -13.64 -8.72 8.93
N TYR B 76 -13.40 -10.01 9.09
CA TYR B 76 -12.08 -10.55 8.87
C TYR B 76 -12.13 -10.74 7.34
N LYS B 77 -11.01 -10.59 6.62
CA LYS B 77 -11.05 -10.68 5.19
C LYS B 77 -10.01 -11.61 4.72
N GLU B 78 -10.34 -12.42 3.73
CA GLU B 78 -9.37 -13.34 3.22
C GLU B 78 -9.37 -13.34 1.68
N ARG B 79 -8.32 -13.82 1.05
CA ARG B 79 -8.20 -13.82 -0.41
C ARG B 79 -8.35 -15.23 -0.96
N TYR B 80 -8.81 -15.40 -2.23
CA TYR B 80 -8.76 -16.67 -2.88
C TYR B 80 -7.53 -16.62 -3.74
N LEU B 81 -6.72 -17.69 -3.73
CA LEU B 81 -5.52 -17.76 -4.52
C LEU B 81 -5.51 -18.96 -5.47
N PHE B 82 -5.36 -18.81 -6.80
CA PHE B 82 -5.22 -19.97 -7.70
C PHE B 82 -3.78 -19.99 -8.16
N LEU B 83 -3.01 -21.07 -8.06
CA LEU B 83 -1.66 -21.06 -8.60
C LEU B 83 -1.69 -22.17 -9.63
N PHE B 84 -1.13 -21.89 -10.79
CA PHE B 84 -1.07 -22.88 -11.84
C PHE B 84 0.26 -22.93 -12.54
N ARG B 85 0.41 -24.03 -13.22
CA ARG B 85 1.56 -24.26 -14.07
C ARG B 85 1.19 -23.78 -15.46
N PRO B 86 1.74 -22.64 -15.98
CA PRO B 86 1.33 -22.02 -17.23
C PRO B 86 1.71 -22.82 -18.44
N ASN B 87 2.58 -23.81 -18.25
CA ASN B 87 2.96 -24.73 -19.29
C ASN B 87 1.97 -25.87 -19.37
N LYS B 88 1.12 -26.10 -18.37
CA LYS B 88 0.08 -27.14 -18.43
C LYS B 88 -1.27 -26.56 -18.78
N VAL B 89 -1.63 -25.41 -18.24
CA VAL B 89 -2.94 -24.85 -18.51
C VAL B 89 -2.79 -23.38 -18.71
N SER B 90 -3.89 -22.73 -19.07
CA SER B 90 -3.89 -21.29 -19.16
C SER B 90 -5.17 -20.62 -18.70
N VAL B 91 -5.10 -19.45 -18.04
CA VAL B 91 -6.29 -18.75 -17.59
C VAL B 91 -6.76 -17.85 -18.72
N LEU B 92 -7.85 -18.15 -19.39
CA LEU B 92 -8.37 -17.28 -20.40
C LEU B 92 -9.12 -16.07 -19.94
N ASP B 93 -9.74 -16.09 -18.78
CA ASP B 93 -10.57 -14.98 -18.33
C ASP B 93 -10.81 -15.24 -16.87
N THR B 94 -11.18 -14.30 -16.05
CA THR B 94 -11.42 -14.56 -14.64
C THR B 94 -12.49 -13.55 -14.30
N TYR B 95 -13.29 -13.78 -13.26
CA TYR B 95 -14.10 -12.71 -12.75
C TYR B 95 -14.55 -13.09 -11.35
N GLN B 96 -15.17 -12.18 -10.66
CA GLN B 96 -15.51 -12.37 -9.29
C GLN B 96 -17.01 -12.25 -9.41
N TYR B 97 -17.74 -13.18 -8.80
CA TYR B 97 -19.16 -13.15 -8.87
C TYR B 97 -19.71 -11.98 -8.08
N ASP B 98 -20.68 -11.31 -8.64
CA ASP B 98 -21.48 -10.29 -8.01
C ASP B 98 -22.84 -10.63 -8.58
N ASP B 99 -23.88 -9.92 -8.22
CA ASP B 99 -25.15 -10.20 -8.87
C ASP B 99 -25.28 -9.02 -9.82
N GLY B 100 -26.45 -8.60 -10.26
CA GLY B 100 -26.61 -7.35 -10.97
C GLY B 100 -26.74 -6.22 -9.96
N CYS B 101 -25.62 -5.88 -9.27
CA CYS B 101 -25.36 -4.70 -8.43
C CYS B 101 -24.01 -4.90 -7.75
N GLU B 102 -23.19 -3.86 -7.49
CA GLU B 102 -21.88 -4.08 -6.88
C GLU B 102 -21.86 -4.59 -5.42
N SER B 103 -22.66 -4.15 -4.45
CA SER B 103 -22.71 -4.76 -3.12
C SER B 103 -23.19 -6.21 -3.26
N CYS B 104 -24.05 -6.45 -4.25
CA CYS B 104 -24.72 -7.70 -4.41
C CYS B 104 -24.05 -9.05 -4.35
N GLY B 105 -22.73 -9.22 -4.54
CA GLY B 105 -22.13 -10.53 -4.43
C GLY B 105 -22.34 -11.02 -3.02
N ASN B 106 -22.05 -10.05 -2.14
CA ASN B 106 -22.20 -10.28 -0.74
C ASN B 106 -23.59 -10.54 -0.20
N ASP B 107 -24.71 -10.41 -0.92
CA ASP B 107 -26.04 -10.79 -0.40
C ASP B 107 -26.17 -12.32 -0.35
N SER B 108 -25.41 -13.05 -1.18
CA SER B 108 -25.52 -14.47 -1.17
C SER B 108 -24.25 -15.13 -0.63
N PHE B 109 -23.11 -14.47 -0.54
CA PHE B 109 -21.91 -15.14 -0.08
C PHE B 109 -21.10 -14.25 0.82
N SER B 110 -20.35 -14.70 1.82
CA SER B 110 -19.50 -13.76 2.55
C SER B 110 -18.21 -13.49 1.79
N ARG B 111 -17.69 -14.47 1.04
CA ARG B 111 -16.44 -14.42 0.26
C ARG B 111 -16.92 -14.80 -1.14
N GLU B 112 -17.37 -13.80 -1.89
CA GLU B 112 -18.02 -14.09 -3.16
C GLU B 112 -17.08 -14.74 -4.16
N PRO B 113 -17.55 -15.81 -4.81
CA PRO B 113 -16.69 -16.72 -5.56
C PRO B 113 -15.84 -16.05 -6.66
N ALA B 114 -14.64 -16.58 -6.83
CA ALA B 114 -13.82 -16.21 -7.96
C ALA B 114 -13.98 -17.32 -8.99
N VAL B 115 -14.19 -17.04 -10.27
CA VAL B 115 -14.25 -18.14 -11.21
C VAL B 115 -13.27 -17.79 -12.32
N VAL B 116 -12.59 -18.86 -12.73
CA VAL B 116 -11.45 -18.79 -13.64
C VAL B 116 -11.65 -19.69 -14.81
N LYS B 117 -11.43 -19.16 -16.01
CA LYS B 117 -11.58 -19.99 -17.20
C LYS B 117 -10.23 -20.49 -17.61
N PHE B 118 -10.02 -21.79 -17.59
CA PHE B 118 -8.78 -22.39 -18.00
C PHE B 118 -8.84 -23.10 -19.34
N SER B 119 -7.71 -23.17 -20.06
CA SER B 119 -7.60 -24.00 -21.23
C SER B 119 -6.71 -25.10 -20.76
N SER B 120 -7.11 -26.30 -21.07
CA SER B 120 -6.33 -27.42 -20.71
C SER B 120 -6.04 -28.05 -22.06
N HIS B 121 -4.74 -28.18 -22.32
CA HIS B 121 -4.29 -28.76 -23.58
C HIS B 121 -3.76 -30.19 -23.40
N SER B 122 -4.06 -30.81 -22.26
CA SER B 122 -3.54 -32.12 -21.91
C SER B 122 -4.71 -33.04 -21.62
N THR B 123 -5.92 -32.53 -21.54
CA THR B 123 -7.01 -33.35 -21.04
C THR B 123 -8.08 -33.28 -22.08
N LYS B 124 -9.01 -34.23 -22.02
CA LYS B 124 -10.12 -34.25 -22.93
C LYS B 124 -10.94 -32.98 -22.88
N VAL B 125 -11.22 -32.45 -21.68
CA VAL B 125 -11.87 -31.14 -21.67
C VAL B 125 -10.69 -30.28 -22.09
N LYS B 126 -11.01 -29.33 -22.94
CA LYS B 126 -10.00 -28.39 -23.33
C LYS B 126 -10.25 -27.02 -22.75
N GLU B 127 -11.41 -26.76 -22.22
CA GLU B 127 -11.70 -25.47 -21.67
C GLU B 127 -12.65 -25.70 -20.51
N PHE B 128 -12.52 -25.06 -19.35
CA PHE B 128 -13.45 -25.29 -18.25
C PHE B 128 -13.31 -24.20 -17.20
N ALA B 129 -14.30 -23.86 -16.40
CA ALA B 129 -14.11 -22.84 -15.37
C ALA B 129 -13.94 -23.55 -14.05
N ILE B 130 -13.23 -22.97 -13.08
CA ILE B 130 -13.15 -23.52 -11.76
C ILE B 130 -13.92 -22.46 -10.95
N VAL B 131 -14.88 -22.73 -10.05
CA VAL B 131 -15.37 -21.66 -9.24
C VAL B 131 -14.97 -22.01 -7.84
N ALA B 132 -14.38 -21.05 -7.10
CA ALA B 132 -13.89 -21.30 -5.76
C ALA B 132 -14.85 -20.85 -4.68
N LEU B 133 -15.10 -21.66 -3.66
CA LEU B 133 -15.85 -21.18 -2.53
C LEU B 133 -15.32 -21.85 -1.25
N HIS B 134 -15.11 -20.85 -0.36
CA HIS B 134 -14.82 -21.03 1.04
C HIS B 134 -16.08 -20.53 1.70
N SER B 135 -16.96 -21.41 2.18
CA SER B 135 -18.16 -20.95 2.80
C SER B 135 -17.89 -20.63 4.28
N ALA B 136 -18.83 -19.84 4.74
CA ALA B 136 -18.90 -19.29 6.08
C ALA B 136 -19.74 -20.36 6.76
N PRO B 137 -19.19 -21.08 7.74
CA PRO B 137 -19.85 -22.29 8.21
C PRO B 137 -21.29 -22.06 8.68
N SER B 138 -21.68 -20.91 9.20
CA SER B 138 -23.07 -20.74 9.65
C SER B 138 -24.01 -20.53 8.49
N ASP B 139 -23.49 -20.19 7.33
CA ASP B 139 -24.32 -19.92 6.17
C ASP B 139 -24.10 -20.97 5.12
N ALA B 140 -23.39 -22.04 5.46
CA ALA B 140 -23.03 -23.07 4.48
C ALA B 140 -24.14 -23.66 3.59
N VAL B 141 -25.29 -24.14 4.12
CA VAL B 141 -26.39 -24.70 3.31
C VAL B 141 -26.78 -23.62 2.33
N ALA B 142 -27.05 -22.40 2.74
CA ALA B 142 -27.52 -21.37 1.80
C ALA B 142 -26.52 -21.04 0.66
N GLU B 143 -25.24 -20.89 1.03
CA GLU B 143 -24.20 -20.58 0.08
C GLU B 143 -23.99 -21.67 -0.94
N ILE B 144 -23.76 -22.91 -0.48
CA ILE B 144 -23.56 -24.04 -1.37
C ILE B 144 -24.84 -24.13 -2.18
N ASN B 145 -26.03 -23.67 -1.78
CA ASN B 145 -27.18 -23.73 -2.70
C ASN B 145 -27.04 -22.61 -3.75
N SER B 146 -26.46 -21.46 -3.39
CA SER B 146 -26.33 -20.30 -4.26
C SER B 146 -25.23 -20.46 -5.25
N LEU B 147 -24.35 -21.39 -4.91
CA LEU B 147 -23.34 -21.82 -5.83
C LEU B 147 -24.02 -22.32 -7.12
N TYR B 148 -25.26 -22.82 -7.09
CA TYR B 148 -25.94 -23.22 -8.34
C TYR B 148 -26.24 -21.99 -9.24
N ASP B 149 -26.57 -20.84 -8.66
CA ASP B 149 -26.83 -19.68 -9.50
C ASP B 149 -25.53 -19.13 -10.08
N VAL B 150 -24.41 -19.33 -9.41
CA VAL B 150 -23.11 -19.00 -9.98
C VAL B 150 -22.82 -19.94 -11.16
N TYR B 151 -23.16 -21.25 -11.15
CA TYR B 151 -22.99 -22.14 -12.30
C TYR B 151 -23.80 -21.58 -13.47
N LEU B 152 -25.05 -21.20 -13.23
CA LEU B 152 -25.91 -20.54 -14.20
C LEU B 152 -25.27 -19.31 -14.84
N ASP B 153 -24.74 -18.43 -13.99
CA ASP B 153 -24.07 -17.22 -14.43
C ASP B 153 -22.85 -17.52 -15.32
N VAL B 154 -22.03 -18.52 -15.04
CA VAL B 154 -20.88 -18.86 -15.86
C VAL B 154 -21.39 -19.39 -17.20
N GLN B 155 -22.43 -20.20 -17.24
CA GLN B 155 -23.01 -20.65 -18.50
C GLN B 155 -23.51 -19.46 -19.32
N GLN B 156 -24.25 -18.52 -18.74
CA GLN B 156 -24.71 -17.36 -19.48
C GLN B 156 -23.53 -16.44 -19.92
N LYS B 157 -22.44 -16.31 -19.16
CA LYS B 157 -21.35 -15.44 -19.51
C LYS B 157 -20.44 -16.12 -20.50
N TRP B 158 -20.00 -17.29 -20.10
CA TRP B 158 -19.00 -17.90 -20.88
C TRP B 158 -19.39 -18.99 -21.81
N HIS B 159 -20.68 -19.35 -21.83
CA HIS B 159 -21.25 -20.39 -22.71
C HIS B 159 -20.54 -21.70 -22.41
N LEU B 160 -20.34 -21.90 -21.12
CA LEU B 160 -19.50 -22.96 -20.64
C LEU B 160 -20.35 -23.84 -19.78
N ASN B 161 -20.34 -25.12 -20.10
CA ASN B 161 -21.06 -26.07 -19.33
C ASN B 161 -20.09 -26.78 -18.37
N ASP B 162 -18.83 -26.93 -18.74
CA ASP B 162 -17.89 -27.71 -17.97
C ASP B 162 -17.44 -26.86 -16.79
N VAL B 163 -18.05 -27.06 -15.61
CA VAL B 163 -17.69 -26.23 -14.48
C VAL B 163 -17.31 -27.10 -13.26
N MET B 164 -16.08 -26.93 -12.79
CA MET B 164 -15.61 -27.64 -11.59
C MET B 164 -15.83 -26.72 -10.39
N LEU B 165 -16.56 -27.02 -9.32
CA LEU B 165 -16.75 -26.03 -8.27
C LEU B 165 -16.02 -26.57 -7.05
N MET B 166 -15.17 -25.89 -6.28
CA MET B 166 -14.50 -26.62 -5.23
C MET B 166 -14.11 -25.69 -4.07
N GLY B 167 -13.67 -26.22 -2.97
CA GLY B 167 -13.23 -25.36 -1.88
C GLY B 167 -13.66 -25.95 -0.54
N ASP B 168 -13.66 -25.17 0.54
CA ASP B 168 -14.07 -25.61 1.86
C ASP B 168 -15.47 -25.05 1.93
N PHE B 169 -16.38 -25.95 1.59
CA PHE B 169 -17.77 -25.73 1.63
C PHE B 169 -18.32 -25.97 3.01
N ASN B 170 -17.55 -26.40 4.04
CA ASN B 170 -18.13 -26.76 5.33
C ASN B 170 -19.34 -27.74 5.10
N ALA B 171 -19.24 -28.62 4.11
CA ALA B 171 -20.39 -29.40 3.63
C ALA B 171 -20.54 -30.74 4.36
N ASP B 172 -20.62 -30.67 5.70
CA ASP B 172 -20.76 -31.87 6.50
C ASP B 172 -20.92 -31.56 7.94
N CYS B 173 -21.10 -32.58 8.76
CA CYS B 173 -21.13 -32.47 10.23
C CYS B 173 -22.19 -31.50 10.68
N SER B 174 -21.98 -30.58 11.63
CA SER B 174 -23.08 -29.75 12.11
C SER B 174 -23.39 -28.61 11.20
N TYR B 175 -22.66 -28.38 10.13
CA TYR B 175 -23.07 -27.23 9.31
C TYR B 175 -23.96 -27.65 8.16
N VAL B 176 -24.01 -28.93 7.83
CA VAL B 176 -24.93 -29.42 6.81
C VAL B 176 -25.26 -30.83 7.20
N THR B 177 -26.52 -31.05 7.56
CA THR B 177 -26.98 -32.33 8.05
C THR B 177 -27.55 -33.10 6.87
N SER B 178 -27.78 -34.39 7.02
CA SER B 178 -28.36 -35.22 5.96
C SER B 178 -29.61 -34.59 5.42
N SER B 179 -30.51 -34.13 6.29
CA SER B 179 -31.78 -33.61 5.87
C SER B 179 -31.65 -32.37 5.03
N GLN B 180 -30.60 -31.59 5.28
CA GLN B 180 -30.44 -30.35 4.57
C GLN B 180 -29.93 -30.60 3.16
N TRP B 181 -29.32 -31.74 2.79
CA TRP B 181 -28.91 -31.89 1.40
C TRP B 181 -30.08 -31.74 0.43
N SER B 182 -31.32 -31.99 0.87
CA SER B 182 -32.38 -31.76 -0.12
C SER B 182 -32.59 -30.30 -0.37
N SER B 183 -31.97 -29.38 0.37
CA SER B 183 -32.23 -27.98 0.11
C SER B 183 -31.12 -27.48 -0.84
N ILE B 184 -30.18 -28.29 -1.21
CA ILE B 184 -29.08 -27.76 -1.97
C ILE B 184 -29.19 -28.17 -3.43
N ARG B 185 -29.65 -27.20 -4.27
CA ARG B 185 -29.79 -27.42 -5.71
C ARG B 185 -28.58 -28.07 -6.35
N LEU B 186 -27.41 -27.63 -5.92
CA LEU B 186 -26.14 -28.13 -6.41
C LEU B 186 -25.95 -29.61 -6.29
N ARG B 187 -26.68 -30.15 -5.35
CA ARG B 187 -26.48 -31.57 -5.06
C ARG B 187 -27.64 -32.42 -5.57
N THR B 188 -28.75 -31.71 -5.66
CA THR B 188 -30.00 -32.34 -5.95
C THR B 188 -30.05 -32.64 -7.43
N SER B 189 -29.58 -31.68 -8.22
CA SER B 189 -29.59 -31.84 -9.62
C SER B 189 -28.55 -32.85 -10.05
N SER B 190 -28.95 -33.63 -11.04
CA SER B 190 -28.08 -34.60 -11.69
C SER B 190 -27.04 -33.86 -12.52
N THR B 191 -27.09 -32.55 -12.72
CA THR B 191 -26.07 -31.89 -13.50
C THR B 191 -24.74 -32.02 -12.78
N PHE B 192 -24.73 -32.29 -11.48
CA PHE B 192 -23.48 -32.23 -10.75
C PHE B 192 -22.94 -33.53 -10.22
N GLN B 193 -21.67 -33.88 -10.26
CA GLN B 193 -21.16 -35.11 -9.74
C GLN B 193 -20.30 -34.66 -8.56
N TRP B 194 -20.64 -35.17 -7.37
CA TRP B 194 -19.87 -34.92 -6.17
C TRP B 194 -18.80 -36.01 -6.01
N LEU B 195 -17.58 -35.58 -6.20
CA LEU B 195 -16.40 -36.40 -6.25
C LEU B 195 -15.80 -36.73 -4.94
N ILE B 196 -15.82 -35.81 -3.98
CA ILE B 196 -15.49 -36.10 -2.58
C ILE B 196 -16.84 -36.43 -1.94
N PRO B 197 -17.06 -37.66 -1.57
CA PRO B 197 -18.30 -38.14 -0.92
C PRO B 197 -18.45 -37.63 0.50
N ASP B 198 -19.57 -37.91 1.15
CA ASP B 198 -19.84 -37.44 2.50
C ASP B 198 -19.10 -38.11 3.61
N SER B 199 -18.53 -39.26 3.30
CA SER B 199 -17.82 -40.08 4.22
C SER B 199 -16.38 -39.64 4.36
N ALA B 200 -15.97 -38.73 3.48
CA ALA B 200 -14.56 -38.42 3.53
C ALA B 200 -14.30 -37.63 4.77
N ASP B 201 -13.03 -37.70 5.08
CA ASP B 201 -12.51 -36.89 6.17
C ASP B 201 -11.56 -35.92 5.50
N THR B 202 -11.86 -34.65 5.43
CA THR B 202 -10.93 -33.69 4.84
C THR B 202 -10.39 -32.69 5.86
N THR B 203 -10.53 -32.96 7.16
CA THR B 203 -10.04 -32.08 8.22
C THR B 203 -8.81 -32.68 8.84
N ALA B 204 -7.78 -31.90 9.11
CA ALA B 204 -6.60 -32.39 9.79
C ALA B 204 -6.90 -32.63 11.24
N THR B 205 -7.90 -31.96 11.75
CA THR B 205 -8.36 -32.18 13.13
C THR B 205 -9.01 -33.56 13.35
N SER B 206 -9.34 -33.89 14.58
CA SER B 206 -9.93 -35.13 15.03
C SER B 206 -11.40 -35.32 14.67
N THR B 207 -11.92 -34.34 13.97
CA THR B 207 -13.22 -34.32 13.37
C THR B 207 -13.16 -35.17 12.14
N ASN B 208 -14.34 -35.69 11.72
CA ASN B 208 -14.46 -36.56 10.56
C ASN B 208 -15.50 -35.84 9.71
N CYS B 209 -15.10 -34.85 8.93
CA CYS B 209 -16.07 -34.06 8.19
C CYS B 209 -15.56 -33.88 6.78
N ALA B 210 -16.39 -34.03 5.75
CA ALA B 210 -16.11 -33.82 4.32
C ALA B 210 -16.43 -32.35 4.10
N TYR B 211 -15.57 -31.53 4.73
CA TYR B 211 -15.78 -30.10 4.61
C TYR B 211 -15.48 -29.56 3.23
N ASP B 212 -14.46 -30.15 2.63
CA ASP B 212 -13.85 -29.62 1.43
C ASP B 212 -14.37 -30.42 0.27
N ARG B 213 -14.98 -29.83 -0.74
CA ARG B 213 -15.56 -30.72 -1.74
C ARG B 213 -15.11 -30.26 -3.13
N ILE B 214 -15.23 -31.12 -4.17
CA ILE B 214 -14.95 -30.79 -5.55
C ILE B 214 -16.19 -31.24 -6.28
N VAL B 215 -16.84 -30.40 -7.06
CA VAL B 215 -18.02 -30.81 -7.79
C VAL B 215 -17.67 -30.57 -9.28
N VAL B 216 -18.22 -31.35 -10.21
CA VAL B 216 -18.01 -31.18 -11.63
C VAL B 216 -19.36 -31.35 -12.27
N ALA B 217 -19.59 -30.39 -13.11
CA ALA B 217 -20.73 -30.31 -13.97
C ALA B 217 -20.19 -30.40 -15.41
N GLY B 218 -21.05 -30.71 -16.41
CA GLY B 218 -20.68 -30.83 -17.83
C GLY B 218 -20.27 -32.26 -18.20
N SER B 219 -20.80 -32.94 -19.24
CA SER B 219 -20.41 -34.31 -19.53
C SER B 219 -18.98 -34.43 -20.02
N LEU B 220 -18.40 -33.44 -20.72
CA LEU B 220 -16.99 -33.52 -21.12
C LEU B 220 -16.09 -33.49 -19.87
N LEU B 221 -16.25 -32.54 -18.96
CA LEU B 221 -15.47 -32.53 -17.73
C LEU B 221 -15.68 -33.83 -16.94
N GLN B 222 -16.94 -34.26 -16.71
CA GLN B 222 -17.22 -35.50 -16.01
C GLN B 222 -16.47 -36.65 -16.69
N SER B 223 -16.24 -36.61 -18.02
CA SER B 223 -15.50 -37.68 -18.68
C SER B 223 -14.01 -37.59 -18.51
N SER B 224 -13.49 -36.38 -18.38
CA SER B 224 -12.07 -36.23 -18.10
C SER B 224 -11.60 -36.68 -16.73
N VAL B 225 -12.40 -36.66 -15.65
CA VAL B 225 -11.86 -37.04 -14.37
C VAL B 225 -11.52 -38.51 -14.41
N VAL B 226 -10.36 -38.84 -13.82
CA VAL B 226 -9.85 -40.20 -13.73
C VAL B 226 -10.68 -40.77 -12.60
N PRO B 227 -11.36 -41.91 -12.78
CA PRO B 227 -12.18 -42.49 -11.74
C PRO B 227 -11.31 -42.94 -10.57
N GLY B 228 -11.78 -42.63 -9.35
CA GLY B 228 -11.09 -43.00 -8.13
C GLY B 228 -9.92 -42.07 -7.81
N SER B 229 -9.82 -40.92 -8.49
CA SER B 229 -8.70 -40.07 -8.19
C SER B 229 -9.09 -38.99 -7.23
N ALA B 230 -10.37 -38.65 -7.10
CA ALA B 230 -10.71 -37.58 -6.19
C ALA B 230 -10.52 -38.06 -4.76
N ALA B 231 -9.74 -37.46 -3.87
CA ALA B 231 -9.53 -37.87 -2.49
C ALA B 231 -9.01 -36.66 -1.73
N PRO B 232 -9.18 -36.50 -0.38
CA PRO B 232 -8.31 -35.64 0.43
C PRO B 232 -6.88 -36.13 0.36
N PHE B 233 -5.83 -35.31 0.33
CA PHE B 233 -4.51 -35.87 0.37
C PHE B 233 -4.14 -35.70 1.81
N ASP B 234 -3.90 -36.75 2.61
CA ASP B 234 -3.53 -36.58 4.01
C ASP B 234 -2.02 -36.49 4.09
N PHE B 235 -1.58 -35.25 4.15
CA PHE B 235 -0.18 -34.93 4.27
C PHE B 235 0.37 -35.44 5.61
N GLN B 236 -0.42 -35.57 6.66
CA GLN B 236 0.15 -36.00 7.93
C GLN B 236 0.59 -37.43 7.77
N ALA B 237 -0.29 -38.26 7.27
CA ALA B 237 0.11 -39.62 6.99
C ALA B 237 1.22 -39.54 5.94
N ALA B 238 1.11 -38.74 4.87
CA ALA B 238 2.12 -38.79 3.80
C ALA B 238 3.55 -38.42 4.14
N TYR B 239 3.71 -37.45 5.00
CA TYR B 239 5.03 -37.09 5.34
C TYR B 239 5.34 -37.53 6.75
N GLY B 240 4.57 -38.47 7.32
CA GLY B 240 4.83 -39.03 8.64
C GLY B 240 4.94 -37.95 9.69
N LEU B 241 3.93 -37.08 9.76
CA LEU B 241 3.93 -35.95 10.65
C LEU B 241 3.24 -36.25 11.99
N SER B 242 3.58 -35.48 13.00
CA SER B 242 2.92 -35.56 14.26
C SER B 242 1.65 -34.80 14.02
N ASN B 243 0.76 -34.94 14.99
CA ASN B 243 -0.45 -34.18 15.01
C ASN B 243 -0.22 -32.70 14.96
N GLU B 244 0.62 -32.28 15.90
CA GLU B 244 0.96 -30.88 16.18
C GLU B 244 1.48 -30.22 14.93
N MET B 245 2.47 -30.90 14.37
CA MET B 245 3.11 -30.44 13.14
C MET B 245 2.09 -30.36 12.01
N ALA B 246 1.27 -31.41 11.80
CA ALA B 246 0.27 -31.37 10.77
C ALA B 246 -0.68 -30.22 11.03
N LEU B 247 -1.16 -29.91 12.24
CA LEU B 247 -2.09 -28.80 12.42
C LEU B 247 -1.47 -27.43 12.31
N ALA B 248 -0.17 -27.39 12.48
CA ALA B 248 0.57 -26.13 12.33
C ALA B 248 0.49 -25.69 10.85
N ILE B 249 0.50 -26.63 9.91
CA ILE B 249 0.27 -26.33 8.49
C ILE B 249 -1.22 -26.02 8.36
N SER B 250 -2.15 -26.92 8.75
CA SER B 250 -3.53 -26.53 8.54
C SER B 250 -4.46 -27.47 9.23
N ASP B 251 -5.63 -26.96 9.49
CA ASP B 251 -6.67 -27.86 9.98
C ASP B 251 -7.43 -28.46 8.83
N HIS B 252 -7.03 -28.34 7.57
CA HIS B 252 -7.76 -29.03 6.52
C HIS B 252 -6.77 -29.80 5.69
N TYR B 253 -7.31 -30.73 4.89
CA TYR B 253 -6.51 -31.47 3.91
C TYR B 253 -6.85 -30.88 2.56
N PRO B 254 -5.90 -30.82 1.63
CA PRO B 254 -6.16 -30.54 0.22
C PRO B 254 -7.13 -31.65 -0.30
N VAL B 255 -8.06 -31.32 -1.15
CA VAL B 255 -8.94 -32.32 -1.76
C VAL B 255 -8.45 -32.15 -3.21
N GLU B 256 -7.98 -33.26 -3.80
CA GLU B 256 -7.50 -33.28 -5.16
C GLU B 256 -8.27 -34.23 -6.06
N VAL B 257 -8.08 -34.04 -7.37
CA VAL B 257 -8.63 -34.87 -8.43
C VAL B 257 -7.72 -34.87 -9.68
N THR B 258 -7.84 -35.91 -10.51
CA THR B 258 -7.03 -35.95 -11.68
C THR B 258 -7.95 -36.01 -12.85
N LEU B 259 -7.61 -35.18 -13.82
CA LEU B 259 -8.31 -35.07 -15.11
C LEU B 259 -7.34 -35.59 -16.16
N THR B 260 -7.89 -36.14 -17.23
CA THR B 260 -7.20 -36.77 -18.34
C THR B 260 -7.92 -36.32 -19.62
#